data_8XM3
#
_entry.id   8XM3
#
_cell.length_a   114.780
_cell.length_b   114.780
_cell.length_c   79.800
_cell.angle_alpha   90.00
_cell.angle_beta   90.00
_cell.angle_gamma   120.00
#
_symmetry.space_group_name_H-M   'P 32 2 1'
#
loop_
_entity.id
_entity.type
_entity.pdbx_description
1 polymer 'Methionine--tRNA ligase'
2 non-polymer "ADENOSINE-5'-TRIPHOSPHATE"
3 non-polymer 1-(4-chlorophenyl)-3-[~{N}-[4-[[~{N}-[~{N}-(4-chlorophenyl)carbamimidoyl]carbamimidoyl]amino]butyl]carbamimidoyl]guanidine
4 water water
#
_entity_poly.entity_id   1
_entity_poly.type   'polypeptide(L)'
_entity_poly.pdbx_seq_one_letter_code
;MGSSHHHHHHSAKETFYITTPIYYPSGNLHIGHAYSTVAGDVIARYKRMQGYDVRYLTGTDEHGQKIQEKAQKAGKTEIE
YLDEMIAGIKQLWAKLEISNDDFIRTTEERHKHVVEQVFERLLKQGDIYLGEYEGWYSVPDETYYTESQLVDPQYENGKI
IGGKSPDSGHEVELVKEESYFFNISKYTDRLLEFYDQNPDFIQPPSRKNEMINNFIKPGLADLAVSRTSFNWGVHVPSNP
KHVVYVWIDALVNYISALGYLSDDESLFNKYWPADIHLMAKEIVRFHSIIWPILLMALDLPLPKKVFAHGWILMKDGKMS
KSKGNVVDPNILIDRYGLDATRYYLMRELPFGSDGVFTPEAFVERTNFDLANDLGNLVNRTISMVNKYFDGELPAYQGPL
HELDEEMEAMALETVKSYTESMESLQFSVALSTVWKFISRTNKYIDETTPWVLAKDDSQKDMLGNVMAHLVENIRYAAVL
LRPFLTHAPKEIFEQLNINNPQFMEFSSLEQYGVLNESIMVTGQPKPIFP
;
_entity_poly.pdbx_strand_id   A
#
loop_
_chem_comp.id
_chem_comp.type
_chem_comp.name
_chem_comp.formula
A1LV5 non-polymer 1-(4-chlorophenyl)-3-[~{N}-[4-[[~{N}-[~{N}-(4-chlorophenyl)carbamimidoyl]carbamimidoyl]amino]butyl]carbamimidoyl]guanidine 'C20 H26 Cl2 N10'
ATP non-polymer ADENOSINE-5'-TRIPHOSPHATE 'C10 H16 N5 O13 P3'
#
# COMPACT_ATOMS: atom_id res chain seq x y z
N ALA A 12 5.54 -19.30 19.24
CA ALA A 12 4.36 -18.79 18.45
C ALA A 12 4.74 -17.61 17.54
N LYS A 13 4.01 -17.47 16.44
CA LYS A 13 4.24 -16.40 15.47
C LYS A 13 3.76 -15.05 16.00
N GLU A 14 4.62 -14.04 15.92
CA GLU A 14 4.26 -12.66 16.24
C GLU A 14 3.25 -12.14 15.23
N THR A 15 2.29 -11.34 15.69
CA THR A 15 1.27 -10.78 14.81
C THR A 15 1.82 -9.54 14.10
N PHE A 16 1.28 -9.28 12.91
CA PHE A 16 1.57 -8.08 12.15
C PHE A 16 0.28 -7.66 11.46
N TYR A 17 -0.19 -6.44 11.74
CA TYR A 17 -1.47 -5.93 11.23
C TYR A 17 -1.22 -4.67 10.42
N ILE A 18 -1.63 -4.71 9.16
CA ILE A 18 -1.41 -3.62 8.20
C ILE A 18 -2.74 -3.27 7.51
N THR A 19 -2.93 -1.98 7.25
CA THR A 19 -4.13 -1.46 6.63
C THR A 19 -3.80 -0.48 5.50
N THR A 20 -4.73 -0.39 4.54
CA THR A 20 -4.79 0.70 3.59
C THR A 20 -5.90 1.63 4.09
N PRO A 21 -6.05 2.82 3.48
CA PRO A 21 -7.24 3.60 3.76
C PRO A 21 -8.48 2.90 3.20
N ILE A 22 -9.63 3.23 3.75
CA ILE A 22 -10.89 2.81 3.14
C ILE A 22 -11.22 3.85 2.07
N TYR A 23 -11.39 3.38 0.83
CA TYR A 23 -11.49 4.27 -0.32
C TYR A 23 -12.92 4.71 -0.54
N TYR A 24 -13.08 5.90 -1.09
CA TYR A 24 -14.40 6.52 -1.27
C TYR A 24 -14.92 6.24 -2.69
N PRO A 25 -15.98 5.41 -2.83
CA PRO A 25 -16.41 4.99 -4.17
C PRO A 25 -17.38 5.96 -4.87
N SER A 26 -16.98 7.23 -4.94
CA SER A 26 -17.70 8.27 -5.68
C SER A 26 -17.33 8.27 -7.17
N GLY A 27 -16.30 7.50 -7.51
CA GLY A 27 -15.94 7.21 -8.88
C GLY A 27 -15.05 5.98 -8.90
N ASN A 28 -14.62 5.57 -10.09
CA ASN A 28 -13.77 4.39 -10.24
C ASN A 28 -12.40 4.61 -9.62
N LEU A 29 -11.83 3.55 -9.06
CA LEU A 29 -10.46 3.62 -8.54
C LEU A 29 -9.46 3.61 -9.70
N HIS A 30 -8.31 4.22 -9.44
CA HIS A 30 -7.24 4.38 -10.42
C HIS A 30 -5.91 3.89 -9.82
N ILE A 31 -4.80 4.03 -10.56
CA ILE A 31 -3.51 3.46 -10.13
C ILE A 31 -2.96 4.05 -8.82
N GLY A 32 -3.41 5.26 -8.50
CA GLY A 32 -3.23 5.84 -7.16
C GLY A 32 -3.67 4.89 -6.06
N HIS A 33 -4.90 4.39 -6.18
CA HIS A 33 -5.47 3.47 -5.19
C HIS A 33 -4.77 2.13 -5.22
N ALA A 34 -4.43 1.67 -6.43
CA ALA A 34 -3.67 0.44 -6.61
C ALA A 34 -2.26 0.50 -6.02
N TYR A 35 -1.65 1.70 -6.04
CA TYR A 35 -0.34 1.95 -5.44
C TYR A 35 -0.34 1.62 -3.94
N SER A 36 -1.28 2.22 -3.21
CA SER A 36 -1.43 1.95 -1.77
C SER A 36 -1.70 0.48 -1.49
N THR A 37 -2.59 -0.12 -2.28
CA THR A 37 -3.07 -1.47 -2.04
C THR A 37 -2.02 -2.54 -2.40
N VAL A 38 -1.28 -2.32 -3.48
CA VAL A 38 -0.15 -3.18 -3.84
C VAL A 38 0.99 -3.04 -2.83
N ALA A 39 1.28 -1.80 -2.43
CA ALA A 39 2.31 -1.56 -1.41
C ALA A 39 2.01 -2.29 -0.09
N GLY A 40 0.77 -2.21 0.36
CA GLY A 40 0.33 -2.95 1.55
C GLY A 40 0.46 -4.45 1.35
N ASP A 41 0.12 -4.91 0.15
CA ASP A 41 0.25 -6.33 -0.20
C ASP A 41 1.70 -6.82 -0.17
N VAL A 42 2.62 -6.02 -0.70
CA VAL A 42 4.05 -6.33 -0.67
C VAL A 42 4.54 -6.52 0.77
N ILE A 43 4.17 -5.59 1.65
CA ILE A 43 4.51 -5.66 3.08
C ILE A 43 3.87 -6.90 3.73
N ALA A 44 2.60 -7.13 3.45
CA ALA A 44 1.90 -8.30 3.97
C ALA A 44 2.60 -9.59 3.54
N ARG A 45 2.87 -9.71 2.25
CA ARG A 45 3.55 -10.89 1.69
C ARG A 45 4.96 -11.08 2.25
N TYR A 46 5.68 -9.97 2.42
CA TYR A 46 7.01 -9.96 2.99
C TYR A 46 7.00 -10.46 4.43
N LYS A 47 6.11 -9.89 5.24
CA LYS A 47 5.97 -10.27 6.65
C LYS A 47 5.54 -11.72 6.83
N ARG A 48 4.63 -12.21 5.98
CA ARG A 48 4.30 -13.63 5.95
C ARG A 48 5.55 -14.48 5.69
N MET A 49 6.36 -14.10 4.70
CA MET A 49 7.62 -14.83 4.41
C MET A 49 8.65 -14.77 5.55
N GLN A 50 8.62 -13.70 6.34
CA GLN A 50 9.44 -13.58 7.56
C GLN A 50 8.88 -14.32 8.79
N GLY A 51 7.75 -15.01 8.64
CA GLY A 51 7.18 -15.84 9.71
C GLY A 51 6.18 -15.16 10.64
N TYR A 52 5.70 -13.98 10.27
CA TYR A 52 4.68 -13.29 11.06
C TYR A 52 3.28 -13.82 10.74
N ASP A 53 2.42 -13.73 11.75
CA ASP A 53 0.99 -14.00 11.58
C ASP A 53 0.38 -12.68 11.12
N VAL A 54 0.07 -12.60 9.83
CA VAL A 54 -0.32 -11.34 9.19
C VAL A 54 -1.84 -11.20 9.07
N ARG A 55 -2.33 -10.00 9.33
CA ARG A 55 -3.66 -9.59 8.88
C ARG A 55 -3.55 -8.29 8.09
N TYR A 56 -4.10 -8.30 6.88
CA TYR A 56 -4.05 -7.16 5.96
C TYR A 56 -5.46 -6.75 5.59
N LEU A 57 -5.85 -5.54 5.99
CA LEU A 57 -7.20 -5.01 5.77
C LEU A 57 -7.21 -3.91 4.71
N THR A 58 -8.27 -3.92 3.90
CA THR A 58 -8.62 -2.80 3.05
C THR A 58 -10.13 -2.63 3.14
N GLY A 59 -10.67 -1.61 2.49
CA GLY A 59 -12.12 -1.45 2.45
C GLY A 59 -12.63 -0.20 1.77
N THR A 60 -13.89 0.13 2.06
CA THR A 60 -14.57 1.26 1.44
C THR A 60 -15.32 2.13 2.45
N ASP A 61 -15.24 3.44 2.20
CA ASP A 61 -15.83 4.53 2.97
C ASP A 61 -17.08 4.97 2.20
N GLU A 62 -18.27 4.58 2.67
CA GLU A 62 -19.48 4.55 1.84
C GLU A 62 -20.58 5.56 2.18
N HIS A 63 -20.41 6.34 3.24
CA HIS A 63 -21.44 7.31 3.66
C HIS A 63 -21.16 8.71 3.12
N GLY A 64 -22.13 9.61 3.30
CA GLY A 64 -21.99 11.02 2.93
C GLY A 64 -22.86 11.46 1.77
N GLN A 65 -23.04 12.78 1.65
CA GLN A 65 -23.93 13.38 0.68
C GLN A 65 -23.49 13.14 -0.78
N LYS A 66 -22.19 13.06 -1.01
CA LYS A 66 -21.62 12.81 -2.35
C LYS A 66 -22.10 11.46 -2.89
N ILE A 67 -22.02 10.42 -2.06
CA ILE A 67 -22.51 9.09 -2.43
C ILE A 67 -24.01 9.11 -2.69
N GLN A 68 -24.74 9.80 -1.82
CA GLN A 68 -26.19 9.99 -1.96
C GLN A 68 -26.53 10.62 -3.32
N GLU A 69 -25.76 11.66 -3.66
CA GLU A 69 -25.88 12.34 -4.95
C GLU A 69 -25.54 11.46 -6.16
N LYS A 70 -24.44 10.71 -6.07
CA LYS A 70 -24.02 9.80 -7.15
C LYS A 70 -25.06 8.73 -7.42
N ALA A 71 -25.59 8.13 -6.35
CA ALA A 71 -26.67 7.16 -6.42
C ALA A 71 -27.92 7.72 -7.11
N GLN A 72 -28.31 8.94 -6.72
CA GLN A 72 -29.51 9.59 -7.24
C GLN A 72 -29.35 9.91 -8.73
N LYS A 73 -28.19 10.44 -9.12
CA LYS A 73 -27.84 10.69 -10.54
C LYS A 73 -27.85 9.42 -11.40
N ALA A 74 -27.51 8.28 -10.80
CA ALA A 74 -27.54 6.97 -11.48
C ALA A 74 -28.88 6.22 -11.38
N GLY A 75 -29.90 6.85 -10.78
CA GLY A 75 -31.23 6.25 -10.64
C GLY A 75 -31.29 5.03 -9.74
N LYS A 76 -30.44 4.99 -8.72
CA LYS A 76 -30.31 3.85 -7.80
C LYS A 76 -30.40 4.32 -6.34
N THR A 77 -30.72 3.39 -5.45
CA THR A 77 -30.59 3.64 -4.02
C THR A 77 -29.08 3.68 -3.70
N GLU A 78 -28.76 4.17 -2.52
CA GLU A 78 -27.35 4.30 -2.10
C GLU A 78 -26.70 2.91 -2.07
N ILE A 79 -27.37 1.96 -1.43
CA ILE A 79 -26.83 0.62 -1.26
C ILE A 79 -26.70 -0.14 -2.59
N GLU A 80 -27.63 0.12 -3.52
CA GLU A 80 -27.55 -0.42 -4.89
C GLU A 80 -26.29 0.06 -5.59
N TYR A 81 -26.14 1.39 -5.61
CA TYR A 81 -24.96 2.06 -6.17
C TYR A 81 -23.66 1.51 -5.55
N LEU A 82 -23.64 1.41 -4.22
CA LEU A 82 -22.45 0.97 -3.48
C LEU A 82 -22.10 -0.49 -3.73
N ASP A 83 -23.10 -1.37 -3.69
CA ASP A 83 -22.88 -2.80 -3.95
C ASP A 83 -22.22 -3.04 -5.32
N GLU A 84 -22.63 -2.27 -6.33
CA GLU A 84 -22.00 -2.30 -7.66
C GLU A 84 -20.57 -1.82 -7.63
N MET A 85 -20.35 -0.64 -7.05
CA MET A 85 -19.00 -0.05 -6.98
C MET A 85 -18.02 -0.96 -6.25
N ILE A 86 -18.49 -1.54 -5.13
CA ILE A 86 -17.66 -2.42 -4.32
C ILE A 86 -17.37 -3.74 -5.03
N ALA A 87 -18.34 -4.27 -5.77
CA ALA A 87 -18.11 -5.46 -6.59
C ALA A 87 -16.94 -5.25 -7.55
N GLY A 88 -16.94 -4.10 -8.22
CA GLY A 88 -15.87 -3.70 -9.12
C GLY A 88 -14.52 -3.50 -8.45
N ILE A 89 -14.52 -2.88 -7.27
CA ILE A 89 -13.31 -2.75 -6.45
C ILE A 89 -12.76 -4.12 -6.03
N LYS A 90 -13.64 -5.00 -5.55
CA LYS A 90 -13.23 -6.36 -5.16
C LYS A 90 -12.69 -7.16 -6.34
N GLN A 91 -13.30 -6.99 -7.52
CA GLN A 91 -12.76 -7.53 -8.79
C GLN A 91 -11.33 -7.05 -9.06
N LEU A 92 -11.10 -5.76 -8.87
CA LEU A 92 -9.78 -5.16 -9.10
C LEU A 92 -8.70 -5.76 -8.19
N TRP A 93 -9.00 -5.90 -6.90
CA TRP A 93 -8.06 -6.50 -5.94
C TRP A 93 -7.78 -7.97 -6.23
N ALA A 94 -8.81 -8.72 -6.64
CA ALA A 94 -8.62 -10.11 -7.09
C ALA A 94 -7.70 -10.16 -8.31
N LYS A 95 -7.92 -9.23 -9.24
CA LYS A 95 -7.11 -9.12 -10.46
C LYS A 95 -5.65 -8.72 -10.19
N LEU A 96 -5.45 -7.85 -9.20
CA LEU A 96 -4.09 -7.49 -8.72
C LEU A 96 -3.46 -8.54 -7.80
N GLU A 97 -4.23 -9.59 -7.47
CA GLU A 97 -3.84 -10.67 -6.56
C GLU A 97 -3.42 -10.12 -5.19
N ILE A 98 -4.29 -9.26 -4.64
CA ILE A 98 -4.07 -8.66 -3.33
C ILE A 98 -4.42 -9.72 -2.27
N SER A 99 -3.52 -9.91 -1.31
CA SER A 99 -3.64 -10.93 -0.27
C SER A 99 -4.32 -10.40 1.00
N ASN A 100 -5.31 -9.52 0.82
CA ASN A 100 -6.05 -8.95 1.94
C ASN A 100 -6.90 -10.04 2.61
N ASP A 101 -6.90 -10.05 3.93
CA ASP A 101 -7.60 -11.07 4.72
C ASP A 101 -9.05 -10.70 4.99
N ASP A 102 -9.42 -9.46 4.70
CA ASP A 102 -10.76 -8.94 4.94
C ASP A 102 -10.97 -7.70 4.07
N PHE A 103 -12.23 -7.32 3.92
CA PHE A 103 -12.63 -6.11 3.21
C PHE A 103 -13.74 -5.48 4.05
N ILE A 104 -13.46 -4.30 4.61
CA ILE A 104 -14.41 -3.63 5.50
C ILE A 104 -15.25 -2.61 4.74
N ARG A 105 -16.58 -2.72 4.87
CA ARG A 105 -17.50 -1.74 4.32
C ARG A 105 -18.18 -0.99 5.46
N THR A 106 -18.24 0.33 5.39
CA THR A 106 -18.84 1.11 6.49
C THR A 106 -20.36 0.96 6.58
N THR A 107 -20.96 0.38 5.54
CA THR A 107 -22.38 -0.01 5.54
C THR A 107 -22.68 -1.31 6.29
N GLU A 108 -21.67 -2.11 6.61
CA GLU A 108 -21.89 -3.35 7.37
C GLU A 108 -22.28 -3.02 8.80
N GLU A 109 -23.13 -3.88 9.37
CA GLU A 109 -23.58 -3.72 10.74
C GLU A 109 -22.41 -3.84 11.74
N ARG A 110 -21.47 -4.74 11.47
CA ARG A 110 -20.29 -4.87 12.34
C ARG A 110 -19.52 -3.55 12.48
N HIS A 111 -19.52 -2.73 11.42
CA HIS A 111 -18.95 -1.39 11.46
C HIS A 111 -19.88 -0.39 12.13
N LYS A 112 -21.11 -0.29 11.64
CA LYS A 112 -22.12 0.65 12.18
C LYS A 112 -22.31 0.53 13.69
N HIS A 113 -22.28 -0.70 14.20
CA HIS A 113 -22.40 -0.94 15.64
C HIS A 113 -21.28 -0.26 16.43
N VAL A 114 -20.06 -0.33 15.92
CA VAL A 114 -18.90 0.34 16.55
C VAL A 114 -19.05 1.87 16.51
N VAL A 115 -19.43 2.40 15.35
CA VAL A 115 -19.59 3.85 15.20
C VAL A 115 -20.62 4.40 16.21
N GLU A 116 -21.76 3.72 16.31
CA GLU A 116 -22.82 4.06 17.26
C GLU A 116 -22.33 4.04 18.71
N GLN A 117 -21.71 2.92 19.08
CA GLN A 117 -21.23 2.71 20.46
C GLN A 117 -20.13 3.68 20.87
N VAL A 118 -19.20 3.93 19.95
CA VAL A 118 -18.14 4.92 20.15
C VAL A 118 -18.74 6.32 20.36
N PHE A 119 -19.70 6.69 19.53
CA PHE A 119 -20.30 8.02 19.63
C PHE A 119 -21.03 8.21 20.96
N GLU A 120 -21.86 7.25 21.30
CA GLU A 120 -22.58 7.25 22.59
C GLU A 120 -21.66 7.23 23.81
N ARG A 121 -20.56 6.49 23.73
CA ARG A 121 -19.55 6.50 24.80
C ARG A 121 -18.93 7.89 24.97
N LEU A 122 -18.54 8.52 23.86
CA LEU A 122 -17.96 9.86 23.91
C LEU A 122 -18.98 10.91 24.42
N LEU A 123 -20.24 10.77 24.03
CA LEU A 123 -21.33 11.59 24.60
C LEU A 123 -21.43 11.42 26.12
N LYS A 124 -21.43 10.17 26.55
CA LYS A 124 -21.52 9.83 27.98
C LYS A 124 -20.34 10.39 28.79
N GLN A 125 -19.14 10.28 28.24
CA GLN A 125 -17.92 10.80 28.88
C GLN A 125 -17.80 12.32 28.87
N GLY A 126 -18.63 12.99 28.05
CA GLY A 126 -18.58 14.45 27.91
C GLY A 126 -17.57 14.91 26.88
N ASP A 127 -16.98 13.96 26.14
CA ASP A 127 -16.04 14.28 25.06
C ASP A 127 -16.73 15.02 23.92
N ILE A 128 -18.00 14.68 23.70
CA ILE A 128 -18.84 15.27 22.66
C ILE A 128 -19.99 16.07 23.29
N TYR A 129 -20.19 17.28 22.77
CA TYR A 129 -21.31 18.16 23.17
C TYR A 129 -22.04 18.71 21.94
N LEU A 130 -23.29 19.12 22.15
CA LEU A 130 -24.14 19.61 21.06
C LEU A 130 -23.89 21.09 20.80
N GLY A 131 -23.78 21.45 19.51
CA GLY A 131 -23.63 22.84 19.09
C GLY A 131 -24.12 23.09 17.68
N GLU A 132 -23.51 24.07 17.01
CA GLU A 132 -23.83 24.40 15.62
C GLU A 132 -22.57 24.50 14.80
N TYR A 133 -22.50 23.72 13.72
CA TYR A 133 -21.43 23.83 12.74
C TYR A 133 -21.71 25.02 11.85
N GLU A 134 -20.67 25.84 11.63
CA GLU A 134 -20.71 26.91 10.65
C GLU A 134 -19.52 26.76 9.71
N GLY A 135 -19.79 26.85 8.41
CA GLY A 135 -18.76 26.75 7.39
C GLY A 135 -19.17 27.42 6.08
N TRP A 136 -18.29 27.33 5.10
CA TRP A 136 -18.46 27.97 3.80
C TRP A 136 -18.22 26.94 2.69
N TYR A 137 -19.28 26.57 1.99
CA TYR A 137 -19.20 25.51 0.98
C TYR A 137 -18.89 26.07 -0.42
N SER A 138 -18.02 25.37 -1.14
CA SER A 138 -17.81 25.59 -2.57
C SER A 138 -18.31 24.40 -3.38
N VAL A 139 -19.25 24.67 -4.28
CA VAL A 139 -19.85 23.65 -5.13
C VAL A 139 -18.80 22.91 -5.98
N PRO A 140 -18.03 23.63 -6.84
CA PRO A 140 -17.04 22.93 -7.68
C PRO A 140 -15.89 22.24 -6.94
N ASP A 141 -15.53 22.75 -5.77
CA ASP A 141 -14.50 22.13 -4.94
C ASP A 141 -15.04 20.95 -4.12
N GLU A 142 -16.34 20.93 -3.87
CA GLU A 142 -16.99 19.96 -2.96
C GLU A 142 -16.28 19.94 -1.62
N THR A 143 -15.95 21.13 -1.14
CA THR A 143 -15.12 21.34 0.03
C THR A 143 -15.74 22.45 0.88
N TYR A 144 -15.66 22.27 2.19
CA TYR A 144 -16.05 23.30 3.15
C TYR A 144 -14.78 24.02 3.64
N TYR A 145 -14.89 25.34 3.80
CA TYR A 145 -13.77 26.18 4.26
C TYR A 145 -14.18 26.97 5.49
N THR A 146 -13.20 27.27 6.33
CA THR A 146 -13.36 28.24 7.41
C THR A 146 -13.27 29.63 6.81
N GLU A 147 -13.82 30.61 7.51
CA GLU A 147 -13.85 32.00 7.01
C GLU A 147 -12.47 32.61 6.78
N SER A 148 -11.49 32.19 7.58
CA SER A 148 -10.11 32.67 7.44
C SER A 148 -9.39 32.12 6.20
N GLN A 149 -9.85 30.98 5.68
CA GLN A 149 -9.34 30.42 4.43
C GLN A 149 -9.83 31.12 3.15
N LEU A 150 -10.90 31.91 3.26
CA LEU A 150 -11.52 32.54 2.10
C LEU A 150 -10.65 33.63 1.47
N VAL A 151 -10.64 33.64 0.14
CA VAL A 151 -10.04 34.71 -0.66
C VAL A 151 -11.10 35.79 -0.88
N ASP A 152 -10.64 37.04 -0.95
CA ASP A 152 -11.50 38.21 -1.14
C ASP A 152 -12.69 38.22 -0.17
N PRO A 153 -12.40 38.12 1.14
CA PRO A 153 -13.49 38.16 2.12
C PRO A 153 -14.29 39.45 2.01
N GLN A 154 -15.61 39.31 1.94
CA GLN A 154 -16.53 40.44 1.91
C GLN A 154 -17.03 40.68 3.32
N TYR A 155 -16.92 41.94 3.76
CA TYR A 155 -17.29 42.32 5.13
C TYR A 155 -18.60 43.10 5.19
N GLU A 156 -19.31 42.90 6.30
CA GLU A 156 -20.51 43.65 6.63
C GLU A 156 -20.52 43.84 8.14
N ASN A 157 -20.23 45.07 8.56
CA ASN A 157 -20.14 45.45 9.98
C ASN A 157 -19.09 44.63 10.73
N GLY A 158 -17.92 44.46 10.10
CA GLY A 158 -16.81 43.72 10.70
C GLY A 158 -16.88 42.20 10.64
N LYS A 159 -17.93 41.65 10.04
CA LYS A 159 -18.12 40.20 9.94
C LYS A 159 -18.03 39.73 8.50
N ILE A 160 -17.38 38.58 8.31
CA ILE A 160 -17.23 37.97 6.99
C ILE A 160 -18.57 37.36 6.59
N ILE A 161 -19.17 37.91 5.53
CA ILE A 161 -20.47 37.45 5.01
C ILE A 161 -20.36 36.75 3.64
N GLY A 162 -19.15 36.58 3.15
CA GLY A 162 -18.92 35.97 1.84
C GLY A 162 -17.47 36.00 1.43
N GLY A 163 -17.14 35.21 0.42
CA GLY A 163 -15.79 35.16 -0.11
C GLY A 163 -15.66 34.22 -1.29
N LYS A 164 -14.42 33.90 -1.62
CA LYS A 164 -14.10 32.96 -2.70
C LYS A 164 -13.30 31.79 -2.14
N SER A 165 -13.48 30.62 -2.74
CA SER A 165 -12.67 29.46 -2.41
C SER A 165 -11.19 29.73 -2.72
N PRO A 166 -10.28 29.34 -1.81
CA PRO A 166 -8.85 29.51 -2.08
C PRO A 166 -8.28 28.55 -3.14
N ASP A 167 -9.02 27.48 -3.43
CA ASP A 167 -8.61 26.51 -4.45
C ASP A 167 -9.06 26.90 -5.84
N SER A 168 -10.37 27.10 -6.00
CA SER A 168 -10.98 27.36 -7.32
C SER A 168 -11.28 28.83 -7.62
N GLY A 169 -11.38 29.66 -6.58
CA GLY A 169 -11.84 31.04 -6.74
C GLY A 169 -13.34 31.21 -6.89
N HIS A 170 -14.10 30.14 -6.72
CA HIS A 170 -15.56 30.18 -6.85
C HIS A 170 -16.18 30.78 -5.59
N GLU A 171 -17.29 31.48 -5.78
CA GLU A 171 -18.06 32.05 -4.69
C GLU A 171 -18.53 30.94 -3.74
N VAL A 172 -18.35 31.17 -2.43
CA VAL A 172 -18.75 30.20 -1.41
C VAL A 172 -20.10 30.58 -0.81
N GLU A 173 -20.79 29.58 -0.25
CA GLU A 173 -22.11 29.77 0.37
C GLU A 173 -22.04 29.40 1.86
N LEU A 174 -22.65 30.24 2.69
CA LEU A 174 -22.66 30.05 4.14
C LEU A 174 -23.49 28.82 4.50
N VAL A 175 -22.92 27.97 5.35
CA VAL A 175 -23.62 26.78 5.85
C VAL A 175 -23.66 26.85 7.37
N LYS A 176 -24.85 26.63 7.94
CA LYS A 176 -25.05 26.49 9.39
C LYS A 176 -26.00 25.33 9.65
N GLU A 177 -25.61 24.44 10.56
CA GLU A 177 -26.46 23.32 10.93
C GLU A 177 -26.07 22.76 12.30
N GLU A 178 -27.07 22.26 13.03
CA GLU A 178 -26.85 21.63 14.32
C GLU A 178 -25.85 20.49 14.15
N SER A 179 -24.90 20.41 15.08
CA SER A 179 -23.82 19.45 14.97
C SER A 179 -23.19 19.21 16.35
N TYR A 180 -22.79 17.95 16.54
CA TYR A 180 -22.04 17.54 17.72
C TYR A 180 -20.56 17.81 17.53
N PHE A 181 -19.90 18.26 18.61
CA PHE A 181 -18.47 18.61 18.60
C PHE A 181 -17.67 17.77 19.58
N PHE A 182 -16.46 17.37 19.16
CA PHE A 182 -15.53 16.53 19.92
C PHE A 182 -14.39 17.43 20.44
N ASN A 183 -14.30 17.57 21.77
CA ASN A 183 -13.19 18.28 22.42
C ASN A 183 -11.93 17.41 22.32
N ILE A 184 -11.12 17.72 21.32
CA ILE A 184 -9.85 17.02 21.09
C ILE A 184 -8.64 17.74 21.69
N SER A 185 -8.77 19.04 21.95
CA SER A 185 -7.67 19.87 22.45
C SER A 185 -7.12 19.41 23.80
N LYS A 186 -7.96 18.84 24.66
CA LYS A 186 -7.50 18.33 25.97
C LYS A 186 -6.49 17.18 25.88
N TYR A 187 -6.42 16.51 24.72
CA TYR A 187 -5.45 15.43 24.48
C TYR A 187 -4.11 15.87 23.88
N THR A 188 -3.94 17.18 23.64
CA THR A 188 -2.77 17.73 22.92
C THR A 188 -1.42 17.31 23.52
N ASP A 189 -1.27 17.53 24.82
CA ASP A 189 -0.02 17.17 25.53
C ASP A 189 0.26 15.67 25.51
N ARG A 190 -0.79 14.86 25.68
CA ARG A 190 -0.68 13.40 25.56
C ARG A 190 -0.26 12.97 24.16
N LEU A 191 -0.87 13.58 23.14
CA LEU A 191 -0.51 13.30 21.74
C LEU A 191 0.96 13.64 21.46
N LEU A 192 1.36 14.85 21.85
CA LEU A 192 2.74 15.30 21.65
C LEU A 192 3.76 14.49 22.46
N GLU A 193 3.38 14.02 23.64
CA GLU A 193 4.18 13.07 24.42
C GLU A 193 4.35 11.73 23.68
N PHE A 194 3.25 11.25 23.10
CA PHE A 194 3.28 10.03 22.31
C PHE A 194 4.29 10.16 21.15
N TYR A 195 4.27 11.30 20.46
CA TYR A 195 5.23 11.58 19.38
C TYR A 195 6.69 11.52 19.85
N ASP A 196 6.97 12.11 21.02
CA ASP A 196 8.32 12.11 21.61
C ASP A 196 8.83 10.72 21.94
N GLN A 197 7.97 9.93 22.60
CA GLN A 197 8.28 8.56 22.99
C GLN A 197 8.36 7.58 21.82
N ASN A 198 7.66 7.89 20.72
CA ASN A 198 7.60 7.03 19.53
C ASN A 198 8.11 7.80 18.30
N PRO A 199 9.44 7.91 18.18
CA PRO A 199 10.02 8.73 17.12
C PRO A 199 9.74 8.25 15.68
N ASP A 200 9.48 6.95 15.51
CA ASP A 200 9.15 6.40 14.19
C ASP A 200 7.65 6.36 13.85
N PHE A 201 6.80 6.96 14.69
CA PHE A 201 5.35 6.91 14.49
C PHE A 201 4.92 7.50 13.15
N ILE A 202 5.34 8.73 12.88
CA ILE A 202 5.05 9.39 11.60
C ILE A 202 6.20 9.13 10.62
N GLN A 203 5.87 8.47 9.50
CA GLN A 203 6.85 8.18 8.44
C GLN A 203 6.35 8.75 7.10
N PRO A 204 7.24 9.34 6.29
CA PRO A 204 8.61 9.69 6.68
C PRO A 204 8.60 10.81 7.74
N PRO A 205 9.62 10.87 8.61
CA PRO A 205 9.66 11.93 9.64
C PRO A 205 9.66 13.37 9.11
N SER A 206 10.05 13.56 7.85
CA SER A 206 9.93 14.85 7.15
C SER A 206 8.51 15.44 7.12
N ARG A 207 7.50 14.59 7.24
CA ARG A 207 6.09 15.02 7.30
C ARG A 207 5.71 15.71 8.62
N LYS A 208 6.45 15.41 9.69
CA LYS A 208 6.05 15.79 11.06
C LYS A 208 6.02 17.30 11.31
N ASN A 209 7.09 18.01 10.94
CA ASN A 209 7.22 19.44 11.25
C ASN A 209 6.07 20.29 10.70
N GLU A 210 5.85 20.16 9.39
CA GLU A 210 4.80 20.90 8.68
C GLU A 210 3.44 20.63 9.31
N MET A 211 3.15 19.36 9.53
CA MET A 211 1.89 18.89 10.11
C MET A 211 1.63 19.50 11.50
N ILE A 212 2.64 19.51 12.35
CA ILE A 212 2.48 20.02 13.72
C ILE A 212 2.45 21.54 13.75
N ASN A 213 3.29 22.17 12.93
CA ASN A 213 3.28 23.63 12.73
C ASN A 213 1.91 24.16 12.27
N ASN A 214 1.31 23.50 11.29
CA ASN A 214 0.06 23.98 10.68
C ASN A 214 -1.21 23.60 11.44
N PHE A 215 -1.21 22.43 12.08
CA PHE A 215 -2.45 21.83 12.62
C PHE A 215 -2.52 21.66 14.14
N ILE A 216 -1.39 21.53 14.83
CA ILE A 216 -1.41 21.44 16.30
C ILE A 216 -1.01 22.75 16.99
N LYS A 217 0.08 23.37 16.52
CA LYS A 217 0.60 24.63 17.10
C LYS A 217 -0.47 25.72 17.34
N PRO A 218 -1.32 26.04 16.33
CA PRO A 218 -2.34 27.07 16.57
C PRO A 218 -3.48 26.70 17.54
N GLY A 219 -3.59 25.42 17.89
CA GLY A 219 -4.59 24.92 18.83
C GLY A 219 -5.61 24.07 18.08
N LEU A 220 -5.90 22.90 18.62
CA LEU A 220 -6.86 21.98 18.01
C LEU A 220 -8.27 22.47 18.31
N ALA A 221 -8.96 22.97 17.29
CA ALA A 221 -10.35 23.40 17.43
C ALA A 221 -11.25 22.20 17.66
N ASP A 222 -12.33 22.41 18.41
CA ASP A 222 -13.33 21.37 18.63
C ASP A 222 -13.84 20.88 17.28
N LEU A 223 -13.97 19.56 17.14
CA LEU A 223 -14.17 18.92 15.84
C LEU A 223 -15.64 18.55 15.64
N ALA A 224 -16.24 19.08 14.57
CA ALA A 224 -17.63 18.78 14.24
C ALA A 224 -17.75 17.33 13.73
N VAL A 225 -18.28 16.46 14.60
CA VAL A 225 -18.30 15.00 14.35
C VAL A 225 -19.67 14.44 13.94
N SER A 226 -20.67 15.31 13.79
CA SER A 226 -21.97 14.93 13.20
C SER A 226 -22.46 15.96 12.20
N ARG A 227 -23.45 15.55 11.41
CA ARG A 227 -24.17 16.42 10.51
C ARG A 227 -25.67 16.14 10.58
N THR A 228 -26.46 17.17 10.33
CA THR A 228 -27.93 17.09 10.31
C THR A 228 -28.58 17.38 8.94
N SER A 229 -27.80 17.86 7.97
CA SER A 229 -28.33 18.30 6.67
C SER A 229 -28.55 17.19 5.63
N PHE A 230 -28.09 15.97 5.93
CA PHE A 230 -28.36 14.80 5.09
C PHE A 230 -28.50 13.57 5.98
N ASN A 231 -29.05 12.50 5.41
CA ASN A 231 -29.40 11.29 6.19
C ASN A 231 -28.61 10.01 5.84
N TRP A 232 -27.81 10.06 4.77
CA TRP A 232 -27.01 8.88 4.38
C TRP A 232 -25.73 8.80 5.22
N GLY A 233 -25.86 8.13 6.37
CA GLY A 233 -24.77 7.97 7.32
C GLY A 233 -25.22 7.15 8.51
N VAL A 234 -24.28 6.85 9.40
CA VAL A 234 -24.60 6.14 10.64
C VAL A 234 -25.31 7.14 11.56
N HIS A 235 -26.56 6.83 11.90
CA HIS A 235 -27.36 7.71 12.74
C HIS A 235 -26.92 7.61 14.21
N VAL A 236 -26.86 8.75 14.89
CA VAL A 236 -26.54 8.78 16.31
C VAL A 236 -27.74 8.16 17.02
N PRO A 237 -27.56 7.01 17.70
CA PRO A 237 -28.74 6.33 18.27
C PRO A 237 -29.64 7.23 19.11
N SER A 238 -29.05 7.95 20.05
CA SER A 238 -29.82 8.81 20.97
C SER A 238 -30.32 10.12 20.37
N ASN A 239 -29.90 10.44 19.15
CA ASN A 239 -30.35 11.64 18.45
C ASN A 239 -30.28 11.41 16.94
N PRO A 240 -31.20 10.57 16.40
CA PRO A 240 -31.04 10.05 15.02
C PRO A 240 -31.22 11.04 13.86
N LYS A 241 -31.66 12.27 14.13
CA LYS A 241 -31.60 13.33 13.11
C LYS A 241 -30.14 13.70 12.77
N HIS A 242 -29.22 13.38 13.68
CA HIS A 242 -27.78 13.50 13.44
C HIS A 242 -27.21 12.23 12.79
N VAL A 243 -26.39 12.40 11.76
CA VAL A 243 -25.53 11.30 11.27
C VAL A 243 -24.08 11.57 11.69
N VAL A 244 -23.35 10.49 11.97
CA VAL A 244 -21.94 10.57 12.35
C VAL A 244 -21.13 10.92 11.09
N TYR A 245 -20.31 11.95 11.20
CA TYR A 245 -19.56 12.47 10.06
C TYR A 245 -18.27 11.63 9.85
N VAL A 246 -17.49 11.95 8.81
CA VAL A 246 -16.33 11.17 8.37
C VAL A 246 -15.32 10.78 9.44
N TRP A 247 -15.05 11.67 10.39
CA TRP A 247 -13.93 11.53 11.31
C TRP A 247 -14.04 10.24 12.12
N ILE A 248 -15.14 10.09 12.85
CA ILE A 248 -15.38 8.87 13.63
C ILE A 248 -15.74 7.68 12.72
N ASP A 249 -16.61 7.89 11.73
CA ASP A 249 -17.12 6.81 10.88
C ASP A 249 -15.99 6.08 10.16
N ALA A 250 -15.18 6.82 9.40
CA ALA A 250 -14.12 6.22 8.61
C ALA A 250 -12.98 5.65 9.45
N LEU A 251 -12.55 6.40 10.47
CA LEU A 251 -11.39 5.98 11.25
C LEU A 251 -11.57 4.69 12.02
N VAL A 252 -12.76 4.42 12.54
CA VAL A 252 -12.97 3.22 13.35
C VAL A 252 -13.01 1.91 12.55
N ASN A 253 -12.95 1.98 11.22
CA ASN A 253 -12.92 0.79 10.36
C ASN A 253 -11.80 -0.18 10.77
N TYR A 254 -10.66 0.40 11.14
CA TYR A 254 -9.46 -0.36 11.47
C TYR A 254 -9.63 -1.23 12.71
N ILE A 255 -10.57 -0.85 13.57
CA ILE A 255 -10.91 -1.64 14.77
C ILE A 255 -12.22 -2.42 14.64
N SER A 256 -13.20 -1.84 13.94
CA SER A 256 -14.50 -2.51 13.71
C SER A 256 -14.37 -3.78 12.88
N ALA A 257 -13.46 -3.77 11.92
CA ALA A 257 -13.13 -4.96 11.12
C ALA A 257 -12.61 -6.14 11.99
N LEU A 258 -12.00 -5.81 13.13
CA LEU A 258 -11.49 -6.81 14.07
C LEU A 258 -12.51 -7.27 15.14
N GLY A 259 -13.77 -6.86 15.00
CA GLY A 259 -14.83 -7.22 15.94
C GLY A 259 -14.75 -6.52 17.28
N TYR A 260 -14.19 -5.31 17.31
CA TYR A 260 -14.19 -4.48 18.52
C TYR A 260 -15.63 -4.18 18.91
N LEU A 261 -15.93 -4.27 20.21
CA LEU A 261 -17.29 -4.10 20.76
C LEU A 261 -18.36 -5.06 20.18
N SER A 262 -17.91 -6.20 19.65
CA SER A 262 -18.81 -7.23 19.15
C SER A 262 -18.83 -8.36 20.17
N ASP A 263 -19.63 -9.39 19.90
CA ASP A 263 -19.68 -10.58 20.75
C ASP A 263 -18.44 -11.48 20.65
N ASP A 264 -17.59 -11.23 19.64
CA ASP A 264 -16.32 -11.93 19.49
C ASP A 264 -15.22 -10.92 19.15
N GLU A 265 -14.48 -10.53 20.18
CA GLU A 265 -13.38 -9.57 20.08
C GLU A 265 -12.01 -10.23 19.85
N SER A 266 -11.98 -11.50 19.46
CA SER A 266 -10.75 -12.27 19.40
C SER A 266 -9.74 -11.69 18.39
N LEU A 267 -10.20 -11.34 17.19
CA LEU A 267 -9.34 -10.67 16.19
C LEU A 267 -8.79 -9.35 16.72
N PHE A 268 -9.64 -8.58 17.42
CA PHE A 268 -9.20 -7.31 18.00
C PHE A 268 -8.13 -7.51 19.10
N ASN A 269 -8.36 -8.47 19.97
CA ASN A 269 -7.40 -8.79 21.04
C ASN A 269 -6.07 -9.32 20.50
N LYS A 270 -6.12 -10.01 19.38
CA LYS A 270 -4.93 -10.58 18.75
C LYS A 270 -4.07 -9.56 18.00
N TYR A 271 -4.72 -8.77 17.12
CA TYR A 271 -4.02 -7.93 16.13
C TYR A 271 -3.87 -6.45 16.46
N TRP A 272 -4.82 -5.87 17.21
CA TRP A 272 -4.71 -4.46 17.61
C TRP A 272 -3.64 -4.35 18.72
N PRO A 273 -2.70 -3.39 18.66
CA PRO A 273 -2.65 -2.28 17.71
C PRO A 273 -1.99 -2.56 16.36
N ALA A 274 -2.44 -1.80 15.36
CA ALA A 274 -1.91 -1.89 14.00
C ALA A 274 -0.43 -1.56 14.01
N ASP A 275 0.33 -2.36 13.28
CA ASP A 275 1.75 -2.11 13.08
C ASP A 275 1.99 -0.95 12.11
N ILE A 276 1.15 -0.85 11.09
CA ILE A 276 1.25 0.22 10.10
C ILE A 276 -0.11 0.53 9.45
N HIS A 277 -0.47 1.81 9.49
CA HIS A 277 -1.53 2.37 8.63
C HIS A 277 -0.85 3.02 7.43
N LEU A 278 -1.27 2.62 6.24
CA LEU A 278 -0.74 3.11 4.98
C LEU A 278 -1.72 4.14 4.40
N MET A 279 -1.19 5.14 3.70
CA MET A 279 -1.99 6.23 3.09
C MET A 279 -1.11 7.17 2.28
N ALA A 280 -1.74 8.04 1.49
CA ALA A 280 -1.03 9.18 0.91
C ALA A 280 -1.07 10.36 1.86
N LYS A 281 -0.22 11.35 1.57
CA LYS A 281 0.02 12.48 2.48
C LYS A 281 -1.18 13.37 2.82
N GLU A 282 -2.19 13.42 1.94
CA GLU A 282 -3.37 14.30 2.17
C GLU A 282 -4.28 13.89 3.35
N ILE A 283 -4.12 12.68 3.88
CA ILE A 283 -4.85 12.22 5.07
C ILE A 283 -3.96 11.78 6.24
N VAL A 284 -2.67 12.14 6.20
CA VAL A 284 -1.75 11.81 7.28
C VAL A 284 -2.14 12.50 8.59
N ARG A 285 -2.59 13.75 8.49
CA ARG A 285 -2.94 14.52 9.69
C ARG A 285 -4.13 13.90 10.44
N PHE A 286 -5.07 13.35 9.71
CA PHE A 286 -6.24 12.71 10.32
C PHE A 286 -5.86 11.40 11.03
N HIS A 287 -4.91 10.66 10.47
CA HIS A 287 -4.41 9.42 11.08
C HIS A 287 -3.35 9.64 12.16
N SER A 288 -2.70 10.80 12.14
CA SER A 288 -1.67 11.16 13.14
C SER A 288 -2.16 12.03 14.30
N ILE A 289 -3.29 12.72 14.11
CA ILE A 289 -3.85 13.60 15.16
C ILE A 289 -5.20 13.07 15.66
N ILE A 290 -6.22 13.10 14.80
CA ILE A 290 -7.57 12.72 15.19
C ILE A 290 -7.65 11.26 15.64
N TRP A 291 -6.99 10.37 14.91
CA TRP A 291 -7.10 8.92 15.15
C TRP A 291 -6.51 8.49 16.49
N PRO A 292 -5.25 8.88 16.80
CA PRO A 292 -4.73 8.61 18.16
C PRO A 292 -5.55 9.24 19.28
N ILE A 293 -6.07 10.44 19.05
CA ILE A 293 -6.90 11.13 20.04
C ILE A 293 -8.21 10.37 20.29
N LEU A 294 -8.83 9.89 19.23
CA LEU A 294 -10.05 9.08 19.35
C LEU A 294 -9.77 7.79 20.13
N LEU A 295 -8.65 7.14 19.81
CA LEU A 295 -8.21 5.96 20.54
C LEU A 295 -7.93 6.25 22.04
N MET A 296 -7.36 7.43 22.32
CA MET A 296 -7.21 7.90 23.71
C MET A 296 -8.55 8.05 24.43
N ALA A 297 -9.55 8.61 23.74
CA ALA A 297 -10.89 8.74 24.32
C ALA A 297 -11.52 7.38 24.67
N LEU A 298 -11.14 6.35 23.91
CA LEU A 298 -11.57 4.96 24.15
C LEU A 298 -10.61 4.14 25.02
N ASP A 299 -9.56 4.78 25.55
CA ASP A 299 -8.53 4.11 26.33
C ASP A 299 -8.03 2.84 25.63
N LEU A 300 -7.65 2.99 24.36
CA LEU A 300 -7.13 1.90 23.53
C LEU A 300 -5.69 2.15 23.13
N PRO A 301 -4.91 1.08 22.89
CA PRO A 301 -3.56 1.24 22.36
C PRO A 301 -3.52 1.99 21.02
N LEU A 302 -2.49 2.81 20.84
CA LEU A 302 -2.30 3.58 19.62
C LEU A 302 -1.55 2.77 18.57
N PRO A 303 -1.76 3.08 17.28
CA PRO A 303 -1.01 2.35 16.24
C PRO A 303 0.48 2.64 16.33
N LYS A 304 1.29 1.69 15.89
CA LYS A 304 2.73 1.81 16.00
C LYS A 304 3.33 2.73 14.94
N LYS A 305 2.66 2.88 13.80
CA LYS A 305 3.22 3.64 12.69
C LYS A 305 2.15 4.06 11.70
N VAL A 306 2.26 5.31 11.24
CA VAL A 306 1.46 5.79 10.10
C VAL A 306 2.45 6.17 9.01
N PHE A 307 2.38 5.47 7.87
CA PHE A 307 3.21 5.80 6.72
C PHE A 307 2.39 6.54 5.66
N ALA A 308 2.84 7.76 5.36
CA ALA A 308 2.22 8.59 4.35
C ALA A 308 3.15 8.66 3.15
N HIS A 309 2.85 7.88 2.11
CA HIS A 309 3.59 7.95 0.85
C HIS A 309 3.14 9.15 0.00
N GLY A 310 3.86 9.37 -1.10
CA GLY A 310 3.58 10.47 -2.02
C GLY A 310 2.51 10.13 -3.06
N TRP A 311 2.42 10.99 -4.08
CA TRP A 311 1.38 10.91 -5.10
C TRP A 311 1.90 10.52 -6.46
N ILE A 312 1.13 9.66 -7.13
CA ILE A 312 1.24 9.50 -8.57
C ILE A 312 0.55 10.72 -9.20
N LEU A 313 1.29 11.40 -10.08
CA LEU A 313 0.85 12.65 -10.70
C LEU A 313 0.58 12.45 -12.19
N MET A 314 -0.31 13.28 -12.72
CA MET A 314 -0.54 13.37 -14.16
C MET A 314 -1.31 14.65 -14.50
N LYS A 315 -1.04 15.20 -15.68
CA LYS A 315 -1.64 16.47 -16.16
C LYS A 315 -1.36 17.66 -15.23
N ASP A 316 -0.12 17.74 -14.74
CA ASP A 316 0.30 18.79 -13.79
C ASP A 316 -0.52 18.80 -12.49
N GLY A 317 -0.81 17.62 -11.95
CA GLY A 317 -1.56 17.50 -10.70
C GLY A 317 -1.71 16.07 -10.20
N LYS A 318 -2.16 15.93 -8.96
CA LYS A 318 -2.39 14.62 -8.35
C LYS A 318 -3.45 13.87 -9.15
N MET A 319 -3.17 12.61 -9.47
CA MET A 319 -4.16 11.74 -10.09
C MET A 319 -5.36 11.64 -9.16
N SER A 320 -6.54 11.93 -9.70
CA SER A 320 -7.76 12.07 -8.91
C SER A 320 -8.98 11.65 -9.75
N LYS A 321 -9.83 10.80 -9.16
CA LYS A 321 -11.06 10.34 -9.82
C LYS A 321 -12.10 11.45 -10.05
N SER A 322 -12.02 12.53 -9.28
CA SER A 322 -12.86 13.72 -9.50
C SER A 322 -12.44 14.50 -10.74
N LYS A 323 -11.14 14.79 -10.86
CA LYS A 323 -10.60 15.54 -12.01
C LYS A 323 -10.54 14.75 -13.33
N GLY A 324 -10.60 13.43 -13.25
CA GLY A 324 -10.55 12.56 -14.44
C GLY A 324 -9.19 12.44 -15.13
N ASN A 325 -8.11 12.82 -14.44
CA ASN A 325 -6.73 12.75 -14.99
C ASN A 325 -6.10 11.39 -14.64
N VAL A 326 -6.81 10.32 -14.99
CA VAL A 326 -6.57 9.00 -14.38
C VAL A 326 -6.06 7.94 -15.35
N VAL A 327 -5.35 6.97 -14.80
CA VAL A 327 -4.96 5.74 -15.49
C VAL A 327 -5.64 4.59 -14.76
N ASP A 328 -6.39 3.79 -15.51
CA ASP A 328 -7.13 2.64 -14.99
C ASP A 328 -6.18 1.44 -14.84
N PRO A 329 -6.04 0.89 -13.62
CA PRO A 329 -5.16 -0.28 -13.46
C PRO A 329 -5.61 -1.51 -14.27
N ASN A 330 -6.92 -1.67 -14.47
CA ASN A 330 -7.45 -2.76 -15.29
C ASN A 330 -6.89 -2.75 -16.70
N ILE A 331 -6.72 -1.57 -17.28
CA ILE A 331 -6.17 -1.43 -18.64
C ILE A 331 -4.69 -1.83 -18.65
N LEU A 332 -3.95 -1.37 -17.64
CA LEU A 332 -2.52 -1.72 -17.51
C LEU A 332 -2.30 -3.22 -17.35
N ILE A 333 -3.14 -3.87 -16.55
CA ILE A 333 -3.05 -5.32 -16.32
C ILE A 333 -3.38 -6.09 -17.59
N ASP A 334 -4.44 -5.69 -18.29
CA ASP A 334 -4.84 -6.36 -19.53
C ASP A 334 -3.82 -6.18 -20.65
N ARG A 335 -3.29 -4.98 -20.80
CA ARG A 335 -2.33 -4.68 -21.87
C ARG A 335 -0.94 -5.27 -21.61
N TYR A 336 -0.43 -5.08 -20.39
CA TYR A 336 0.96 -5.42 -20.05
C TYR A 336 1.17 -6.58 -19.06
N GLY A 337 0.10 -7.09 -18.47
CA GLY A 337 0.17 -8.20 -17.53
C GLY A 337 0.29 -7.74 -16.09
N LEU A 338 0.04 -8.66 -15.17
CA LEU A 338 -0.02 -8.35 -13.75
C LEU A 338 1.32 -7.99 -13.11
N ASP A 339 2.33 -8.84 -13.33
CA ASP A 339 3.69 -8.60 -12.81
C ASP A 339 4.24 -7.24 -13.21
N ALA A 340 4.04 -6.89 -14.49
CA ALA A 340 4.47 -5.61 -15.05
C ALA A 340 3.87 -4.43 -14.29
N THR A 341 2.57 -4.51 -14.07
CA THR A 341 1.82 -3.48 -13.39
C THR A 341 2.30 -3.30 -11.95
N ARG A 342 2.35 -4.41 -11.21
CA ARG A 342 2.82 -4.40 -9.83
C ARG A 342 4.27 -3.92 -9.69
N TYR A 343 5.13 -4.41 -10.59
CA TYR A 343 6.53 -3.99 -10.63
C TYR A 343 6.67 -2.49 -10.84
N TYR A 344 6.03 -1.96 -11.88
CA TYR A 344 6.07 -0.52 -12.17
C TYR A 344 5.64 0.32 -10.95
N LEU A 345 4.52 -0.06 -10.34
CA LEU A 345 3.98 0.67 -9.20
C LEU A 345 4.99 0.80 -8.06
N MET A 346 5.66 -0.30 -7.72
CA MET A 346 6.62 -0.34 -6.61
C MET A 346 8.02 0.18 -6.95
N ARG A 347 8.42 0.06 -8.21
CA ARG A 347 9.78 0.45 -8.63
C ARG A 347 9.91 1.91 -9.05
N GLU A 348 8.97 2.41 -9.85
CA GLU A 348 9.13 3.73 -10.49
C GLU A 348 9.05 4.88 -9.50
N LEU A 349 8.10 4.80 -8.56
CA LEU A 349 7.88 5.86 -7.59
C LEU A 349 8.47 5.49 -6.23
N PRO A 350 9.57 6.15 -5.80
CA PRO A 350 10.12 5.87 -4.48
C PRO A 350 9.12 6.17 -3.38
N PHE A 351 9.09 5.30 -2.37
CA PHE A 351 8.03 5.31 -1.37
C PHE A 351 8.24 6.47 -0.38
N GLY A 352 7.52 7.57 -0.64
CA GLY A 352 7.68 8.82 0.12
C GLY A 352 7.64 10.06 -0.76
N SER A 353 8.20 9.97 -1.96
CA SER A 353 8.21 11.09 -2.91
C SER A 353 7.06 11.01 -3.92
N ASP A 354 6.85 12.10 -4.65
CA ASP A 354 5.86 12.17 -5.73
C ASP A 354 6.52 11.87 -7.07
N GLY A 355 5.70 11.50 -8.04
CA GLY A 355 6.21 11.19 -9.38
C GLY A 355 5.12 11.17 -10.43
N VAL A 356 5.51 11.45 -11.67
CA VAL A 356 4.59 11.51 -12.80
C VAL A 356 4.48 10.14 -13.48
N PHE A 357 3.27 9.75 -13.86
CA PHE A 357 3.07 8.58 -14.71
C PHE A 357 3.20 8.97 -16.18
N THR A 358 3.98 8.20 -16.94
CA THR A 358 3.96 8.27 -18.40
C THR A 358 3.91 6.83 -18.97
N PRO A 359 3.19 6.63 -20.10
CA PRO A 359 3.23 5.33 -20.79
C PRO A 359 4.65 4.87 -21.18
N GLU A 360 5.49 5.83 -21.55
CA GLU A 360 6.85 5.54 -22.01
C GLU A 360 7.71 4.97 -20.87
N ALA A 361 7.61 5.59 -19.69
CA ALA A 361 8.31 5.11 -18.50
C ALA A 361 7.81 3.72 -18.08
N PHE A 362 6.50 3.49 -18.23
CA PHE A 362 5.92 2.18 -17.93
C PHE A 362 6.49 1.08 -18.82
N VAL A 363 6.44 1.28 -20.13
CA VAL A 363 6.97 0.29 -21.08
C VAL A 363 8.47 0.09 -20.92
N GLU A 364 9.21 1.19 -20.76
CA GLU A 364 10.66 1.14 -20.53
C GLU A 364 10.98 0.30 -19.30
N ARG A 365 10.36 0.67 -18.19
CA ARG A 365 10.59 0.02 -16.92
C ARG A 365 10.32 -1.49 -16.99
N THR A 366 9.22 -1.87 -17.62
CA THR A 366 8.80 -3.26 -17.69
C THR A 366 9.53 -4.10 -18.76
N ASN A 367 9.80 -3.51 -19.93
CA ASN A 367 10.55 -4.23 -20.97
C ASN A 367 12.02 -4.41 -20.62
N PHE A 368 12.67 -3.35 -20.15
CA PHE A 368 14.10 -3.37 -19.86
C PHE A 368 14.44 -4.25 -18.65
N ASP A 369 13.66 -4.13 -17.58
CA ASP A 369 13.95 -4.85 -16.34
C ASP A 369 13.41 -6.28 -16.34
N LEU A 370 12.13 -6.43 -16.66
CA LEU A 370 11.47 -7.74 -16.58
C LEU A 370 11.77 -8.66 -17.78
N ALA A 371 11.25 -8.33 -18.96
CA ALA A 371 11.42 -9.16 -20.15
C ALA A 371 12.88 -9.30 -20.58
N ASN A 372 13.62 -8.20 -20.56
CA ASN A 372 15.01 -8.20 -21.00
C ASN A 372 15.92 -8.76 -19.89
N ASP A 373 16.21 -7.97 -18.87
CA ASP A 373 17.26 -8.33 -17.88
C ASP A 373 16.98 -9.69 -17.21
N LEU A 374 15.82 -9.82 -16.57
CA LEU A 374 15.44 -11.06 -15.88
C LEU A 374 15.01 -12.18 -16.85
N GLY A 375 14.17 -11.83 -17.82
CA GLY A 375 13.67 -12.80 -18.81
C GLY A 375 14.75 -13.43 -19.67
N ASN A 376 15.65 -12.60 -20.21
CA ASN A 376 16.80 -13.10 -20.98
C ASN A 376 17.77 -13.92 -20.12
N LEU A 377 18.00 -13.51 -18.88
CA LEU A 377 18.84 -14.30 -17.96
C LEU A 377 18.36 -15.74 -17.82
N VAL A 378 17.08 -15.92 -17.50
CA VAL A 378 16.49 -17.26 -17.31
C VAL A 378 16.51 -18.06 -18.61
N ASN A 379 16.16 -17.42 -19.72
CA ASN A 379 16.16 -18.03 -21.06
C ASN A 379 17.54 -18.53 -21.47
N ARG A 380 18.54 -17.65 -21.36
CA ARG A 380 19.93 -18.00 -21.66
C ARG A 380 20.41 -19.18 -20.83
N THR A 381 20.16 -19.09 -19.52
CA THR A 381 20.58 -20.11 -18.56
C THR A 381 19.97 -21.48 -18.87
N ILE A 382 18.64 -21.56 -19.00
CA ILE A 382 17.96 -22.84 -19.23
C ILE A 382 18.33 -23.46 -20.59
N SER A 383 18.43 -22.64 -21.61
CA SER A 383 18.80 -23.12 -22.94
C SER A 383 20.23 -23.67 -22.97
N MET A 384 21.15 -23.00 -22.26
CA MET A 384 22.51 -23.51 -22.10
C MET A 384 22.59 -24.84 -21.34
N VAL A 385 21.82 -24.98 -20.27
CA VAL A 385 21.75 -26.25 -19.52
C VAL A 385 21.23 -27.37 -20.44
N ASN A 386 20.17 -27.07 -21.19
CA ASN A 386 19.61 -28.01 -22.17
C ASN A 386 20.61 -28.41 -23.25
N LYS A 387 21.35 -27.44 -23.77
CA LYS A 387 22.31 -27.67 -24.84
C LYS A 387 23.55 -28.44 -24.37
N TYR A 388 24.16 -27.97 -23.28
CA TYR A 388 25.45 -28.50 -22.82
C TYR A 388 25.37 -29.72 -21.90
N PHE A 389 24.25 -29.90 -21.19
CA PHE A 389 24.08 -31.03 -20.26
C PHE A 389 22.79 -31.84 -20.44
N ASP A 390 22.15 -31.68 -21.60
CA ASP A 390 20.89 -32.39 -21.92
C ASP A 390 19.80 -32.23 -20.84
N GLY A 391 19.76 -31.05 -20.23
CA GLY A 391 18.76 -30.72 -19.21
C GLY A 391 19.19 -30.95 -17.77
N GLU A 392 20.25 -31.74 -17.55
CA GLU A 392 20.68 -32.11 -16.20
C GLU A 392 21.64 -31.07 -15.63
N LEU A 393 21.11 -30.17 -14.80
CA LEU A 393 21.90 -29.11 -14.15
C LEU A 393 22.89 -29.75 -13.17
N PRO A 394 24.22 -29.55 -13.38
CA PRO A 394 25.15 -30.11 -12.40
C PRO A 394 25.01 -29.46 -11.03
N ALA A 395 25.17 -30.28 -9.99
CA ALA A 395 25.09 -29.84 -8.61
C ALA A 395 26.13 -28.77 -8.29
N TYR A 396 25.77 -27.84 -7.41
CA TYR A 396 26.72 -26.87 -6.87
C TYR A 396 27.78 -27.62 -6.05
N GLN A 397 29.04 -27.22 -6.23
CA GLN A 397 30.18 -27.77 -5.47
C GLN A 397 30.85 -26.70 -4.61
N GLY A 398 31.26 -25.61 -5.24
CA GLY A 398 31.92 -24.49 -4.55
C GLY A 398 32.21 -23.37 -5.53
N PRO A 399 32.88 -22.31 -5.07
CA PRO A 399 33.28 -21.21 -5.96
C PRO A 399 34.52 -21.59 -6.78
N LEU A 400 34.29 -22.31 -7.87
CA LEU A 400 35.39 -22.86 -8.68
C LEU A 400 36.00 -21.82 -9.62
N HIS A 401 35.17 -20.96 -10.19
CA HIS A 401 35.65 -19.90 -11.10
C HIS A 401 36.25 -18.76 -10.29
N GLU A 402 37.20 -18.04 -10.89
CA GLU A 402 37.91 -16.92 -10.24
C GLU A 402 37.00 -15.76 -9.79
N LEU A 403 35.86 -15.60 -10.47
CA LEU A 403 34.87 -14.57 -10.15
C LEU A 403 33.84 -14.97 -9.08
N ASP A 404 33.77 -16.25 -8.74
CA ASP A 404 32.68 -16.78 -7.90
C ASP A 404 32.64 -16.26 -6.46
N GLU A 405 33.80 -16.21 -5.80
CA GLU A 405 33.86 -15.77 -4.41
C GLU A 405 33.21 -14.40 -4.21
N GLU A 406 33.61 -13.44 -5.02
CA GLU A 406 33.07 -12.08 -5.00
C GLU A 406 31.56 -12.05 -5.37
N MET A 407 31.16 -12.82 -6.38
CA MET A 407 29.75 -12.88 -6.80
C MET A 407 28.86 -13.53 -5.73
N GLU A 408 29.35 -14.62 -5.14
CA GLU A 408 28.67 -15.25 -4.00
C GLU A 408 28.53 -14.30 -2.80
N ALA A 409 29.57 -13.50 -2.55
CA ALA A 409 29.51 -12.44 -1.54
C ALA A 409 28.48 -11.36 -1.90
N MET A 410 28.39 -11.04 -3.19
CA MET A 410 27.36 -10.12 -3.70
C MET A 410 25.94 -10.65 -3.45
N ALA A 411 25.75 -11.95 -3.63
CA ALA A 411 24.47 -12.60 -3.35
C ALA A 411 24.03 -12.37 -1.92
N LEU A 412 24.95 -12.59 -0.98
CA LEU A 412 24.68 -12.39 0.44
C LEU A 412 24.43 -10.91 0.77
N GLU A 413 25.25 -10.03 0.21
CA GLU A 413 25.08 -8.58 0.41
C GLU A 413 23.78 -8.05 -0.22
N THR A 414 23.34 -8.65 -1.32
CA THR A 414 22.09 -8.29 -1.97
C THR A 414 20.90 -8.55 -1.02
N VAL A 415 20.90 -9.72 -0.39
CA VAL A 415 19.87 -10.11 0.60
C VAL A 415 19.87 -9.14 1.78
N LYS A 416 21.05 -8.91 2.33
CA LYS A 416 21.24 -8.02 3.49
C LYS A 416 20.73 -6.60 3.22
N SER A 417 21.15 -6.03 2.08
CA SER A 417 20.74 -4.69 1.66
C SER A 417 19.23 -4.61 1.39
N TYR A 418 18.72 -5.60 0.65
CA TYR A 418 17.28 -5.75 0.37
C TYR A 418 16.45 -5.71 1.65
N THR A 419 16.89 -6.49 2.65
CA THR A 419 16.21 -6.57 3.95
C THR A 419 16.11 -5.19 4.61
N GLU A 420 17.23 -4.48 4.68
CA GLU A 420 17.28 -3.12 5.22
C GLU A 420 16.32 -2.16 4.49
N SER A 421 16.31 -2.24 3.16
CA SER A 421 15.41 -1.45 2.34
C SER A 421 13.94 -1.80 2.60
N MET A 422 13.65 -3.10 2.70
CA MET A 422 12.29 -3.58 2.97
C MET A 422 11.77 -3.14 4.35
N GLU A 423 12.62 -3.25 5.37
CA GLU A 423 12.25 -2.85 6.73
C GLU A 423 12.00 -1.35 6.87
N SER A 424 12.75 -0.53 6.13
CA SER A 424 12.52 0.93 6.05
C SER A 424 11.50 1.36 4.98
N LEU A 425 10.86 0.38 4.34
CA LEU A 425 9.80 0.58 3.33
C LEU A 425 10.27 1.32 2.06
N GLN A 426 11.56 1.18 1.73
CA GLN A 426 12.12 1.77 0.52
C GLN A 426 12.08 0.73 -0.60
N PHE A 427 10.89 0.50 -1.12
CA PHE A 427 10.62 -0.62 -2.03
C PHE A 427 11.38 -0.49 -3.36
N SER A 428 11.41 0.71 -3.91
CA SER A 428 12.14 0.99 -5.16
C SER A 428 13.64 0.69 -5.02
N VAL A 429 14.18 0.91 -3.83
CA VAL A 429 15.61 0.65 -3.55
C VAL A 429 15.87 -0.84 -3.41
N ALA A 430 14.98 -1.54 -2.70
CA ALA A 430 15.04 -3.01 -2.58
C ALA A 430 15.05 -3.65 -3.96
N LEU A 431 14.13 -3.22 -4.81
CA LEU A 431 14.04 -3.71 -6.18
C LEU A 431 15.27 -3.39 -7.04
N SER A 432 15.75 -2.16 -6.96
CA SER A 432 16.94 -1.75 -7.72
C SER A 432 18.18 -2.54 -7.29
N THR A 433 18.25 -2.87 -6.00
CA THR A 433 19.31 -3.71 -5.44
C THR A 433 19.25 -5.15 -5.98
N VAL A 434 18.05 -5.73 -6.02
CA VAL A 434 17.85 -7.03 -6.66
C VAL A 434 18.31 -6.99 -8.12
N TRP A 435 17.98 -5.90 -8.82
CA TRP A 435 18.32 -5.79 -10.24
C TRP A 435 19.81 -5.59 -10.53
N LYS A 436 20.54 -4.95 -9.62
CA LYS A 436 22.01 -4.92 -9.70
C LYS A 436 22.59 -6.33 -9.73
N PHE A 437 22.03 -7.23 -8.93
CA PHE A 437 22.43 -8.62 -8.89
C PHE A 437 22.00 -9.39 -10.15
N ILE A 438 20.78 -9.13 -10.64
CA ILE A 438 20.31 -9.68 -11.92
C ILE A 438 21.22 -9.27 -13.08
N SER A 439 21.47 -7.97 -13.19
CA SER A 439 22.39 -7.41 -14.20
C SER A 439 23.78 -8.04 -14.13
N ARG A 440 24.32 -8.14 -12.91
CA ARG A 440 25.59 -8.85 -12.65
C ARG A 440 25.60 -10.27 -13.18
N THR A 441 24.49 -10.98 -13.00
CA THR A 441 24.37 -12.38 -13.42
C THR A 441 24.42 -12.51 -14.95
N ASN A 442 23.75 -11.59 -15.66
CA ASN A 442 23.89 -11.50 -17.13
C ASN A 442 25.34 -11.23 -17.54
N LYS A 443 25.99 -10.30 -16.85
CA LYS A 443 27.40 -9.99 -17.10
C LYS A 443 28.32 -11.20 -16.90
N TYR A 444 28.04 -12.00 -15.87
CA TYR A 444 28.76 -13.26 -15.58
C TYR A 444 28.72 -14.26 -16.75
N ILE A 445 27.61 -14.27 -17.51
CA ILE A 445 27.55 -15.06 -18.75
C ILE A 445 28.56 -14.52 -19.77
N ASP A 446 28.55 -13.21 -19.95
CA ASP A 446 29.48 -12.54 -20.88
C ASP A 446 30.94 -12.78 -20.49
N GLU A 447 31.23 -12.64 -19.20
CA GLU A 447 32.57 -12.82 -18.65
C GLU A 447 33.09 -14.26 -18.75
N THR A 448 32.24 -15.24 -18.49
CA THR A 448 32.64 -16.66 -18.48
C THR A 448 32.58 -17.33 -19.85
N THR A 449 31.87 -16.73 -20.80
CA THR A 449 31.68 -17.27 -22.17
C THR A 449 31.51 -18.81 -22.19
N PRO A 450 30.40 -19.33 -21.63
CA PRO A 450 30.16 -20.78 -21.51
C PRO A 450 30.25 -21.59 -22.81
N TRP A 451 29.84 -20.96 -23.90
CA TRP A 451 29.95 -21.54 -25.25
C TRP A 451 31.41 -21.89 -25.63
N VAL A 452 32.36 -21.08 -25.16
CA VAL A 452 33.80 -21.39 -25.36
C VAL A 452 34.21 -22.58 -24.49
N LEU A 453 33.80 -22.57 -23.22
CA LEU A 453 34.04 -23.71 -22.31
C LEU A 453 33.43 -25.02 -22.79
N ALA A 454 32.29 -24.93 -23.49
CA ALA A 454 31.60 -26.11 -24.03
C ALA A 454 32.35 -26.84 -25.15
N LYS A 455 33.27 -26.15 -25.82
CA LYS A 455 34.11 -26.75 -26.87
C LYS A 455 35.16 -27.71 -26.34
N ASP A 456 35.61 -27.48 -25.11
CA ASP A 456 36.70 -28.22 -24.49
C ASP A 456 36.16 -29.23 -23.45
N ASP A 457 36.44 -30.52 -23.68
CA ASP A 457 35.98 -31.59 -22.78
C ASP A 457 36.57 -31.51 -21.37
N SER A 458 37.82 -31.02 -21.27
CA SER A 458 38.47 -30.78 -19.99
C SER A 458 37.80 -29.70 -19.13
N GLN A 459 37.07 -28.78 -19.78
CA GLN A 459 36.36 -27.68 -19.11
C GLN A 459 34.92 -27.99 -18.64
N LYS A 460 34.48 -29.24 -18.77
CA LYS A 460 33.08 -29.59 -18.46
C LYS A 460 32.68 -29.32 -17.00
N ASP A 461 33.62 -29.50 -16.08
CA ASP A 461 33.40 -29.25 -14.66
C ASP A 461 33.22 -27.76 -14.38
N MET A 462 34.12 -26.94 -14.91
CA MET A 462 34.01 -25.49 -14.84
C MET A 462 32.71 -24.97 -15.50
N LEU A 463 32.35 -25.52 -16.65
CA LEU A 463 31.10 -25.16 -17.34
C LEU A 463 29.89 -25.43 -16.43
N GLY A 464 29.88 -26.63 -15.85
CA GLY A 464 28.84 -27.02 -14.87
C GLY A 464 28.73 -26.09 -13.68
N ASN A 465 29.88 -25.65 -13.18
CA ASN A 465 29.97 -24.65 -12.10
C ASN A 465 29.37 -23.29 -12.50
N VAL A 466 29.64 -22.87 -13.74
CA VAL A 466 29.08 -21.62 -14.27
C VAL A 466 27.54 -21.73 -14.34
N MET A 467 27.05 -22.85 -14.88
CA MET A 467 25.62 -23.13 -14.92
C MET A 467 24.99 -23.14 -13.53
N ALA A 468 25.65 -23.81 -12.58
CA ALA A 468 25.19 -23.89 -11.19
C ALA A 468 25.08 -22.52 -10.53
N HIS A 469 26.07 -21.65 -10.77
CA HIS A 469 26.05 -20.29 -10.25
C HIS A 469 24.96 -19.40 -10.87
N LEU A 470 24.67 -19.62 -12.15
CA LEU A 470 23.63 -18.87 -12.83
C LEU A 470 22.26 -19.18 -12.21
N VAL A 471 21.99 -20.46 -12.04
CA VAL A 471 20.70 -20.93 -11.49
C VAL A 471 20.53 -20.49 -10.05
N GLU A 472 21.59 -20.59 -9.25
CA GLU A 472 21.52 -20.15 -7.85
C GLU A 472 21.27 -18.65 -7.73
N ASN A 473 21.95 -17.86 -8.57
CA ASN A 473 21.67 -16.42 -8.66
C ASN A 473 20.22 -16.15 -9.02
N ILE A 474 19.72 -16.87 -10.02
CA ILE A 474 18.31 -16.77 -10.43
C ILE A 474 17.38 -17.11 -9.25
N ARG A 475 17.70 -18.20 -8.55
CA ARG A 475 16.91 -18.64 -7.40
C ARG A 475 16.83 -17.55 -6.33
N TYR A 476 17.97 -16.93 -6.01
CA TYR A 476 18.01 -15.79 -5.06
C TYR A 476 17.06 -14.67 -5.48
N ALA A 477 17.17 -14.24 -6.74
CA ALA A 477 16.31 -13.18 -7.29
C ALA A 477 14.83 -13.54 -7.20
N ALA A 478 14.49 -14.77 -7.60
CA ALA A 478 13.11 -15.26 -7.56
C ALA A 478 12.51 -15.23 -6.14
N VAL A 479 13.28 -15.70 -5.15
CA VAL A 479 12.84 -15.67 -3.75
C VAL A 479 12.61 -14.23 -3.28
N LEU A 480 13.59 -13.37 -3.50
CA LEU A 480 13.49 -11.95 -3.13
C LEU A 480 12.34 -11.21 -3.81
N LEU A 481 11.94 -11.67 -5.00
CA LEU A 481 10.82 -11.06 -5.73
C LEU A 481 9.42 -11.56 -5.34
N ARG A 482 9.33 -12.60 -4.53
CA ARG A 482 8.03 -13.21 -4.17
C ARG A 482 7.01 -12.22 -3.56
N PRO A 483 7.47 -11.29 -2.69
CA PRO A 483 6.54 -10.27 -2.19
C PRO A 483 5.97 -9.31 -3.24
N PHE A 484 6.72 -9.08 -4.33
CA PHE A 484 6.37 -8.10 -5.36
C PHE A 484 5.62 -8.68 -6.55
N LEU A 485 6.17 -9.76 -7.11
CA LEU A 485 5.64 -10.40 -8.31
C LEU A 485 5.02 -11.75 -7.93
N THR A 486 3.73 -11.91 -8.27
CA THR A 486 2.99 -13.13 -7.90
C THR A 486 3.06 -14.24 -8.95
N HIS A 487 3.44 -13.91 -10.18
CA HIS A 487 3.50 -14.91 -11.27
C HIS A 487 4.91 -15.41 -11.58
N ALA A 488 5.85 -14.49 -11.77
CA ALA A 488 7.20 -14.82 -12.27
C ALA A 488 8.02 -15.78 -11.38
N PRO A 489 8.07 -15.55 -10.06
CA PRO A 489 8.84 -16.48 -9.21
C PRO A 489 8.41 -17.94 -9.32
N LYS A 490 7.10 -18.21 -9.23
CA LYS A 490 6.54 -19.55 -9.41
C LYS A 490 6.93 -20.14 -10.76
N GLU A 491 6.81 -19.32 -11.82
CA GLU A 491 7.15 -19.74 -13.18
C GLU A 491 8.63 -20.10 -13.29
N ILE A 492 9.49 -19.26 -12.69
CA ILE A 492 10.94 -19.51 -12.64
C ILE A 492 11.26 -20.83 -11.92
N PHE A 493 10.66 -21.05 -10.75
CA PHE A 493 10.86 -22.30 -10.00
C PHE A 493 10.42 -23.53 -10.81
N GLU A 494 9.29 -23.42 -11.49
CA GLU A 494 8.77 -24.50 -12.33
C GLU A 494 9.67 -24.83 -13.53
N GLN A 495 10.16 -23.80 -14.21
CA GLN A 495 11.02 -24.00 -15.37
C GLN A 495 12.39 -24.54 -14.98
N LEU A 496 12.95 -24.05 -13.89
CA LEU A 496 14.18 -24.62 -13.29
C LEU A 496 13.96 -25.99 -12.62
N ASN A 497 12.70 -26.29 -12.33
CA ASN A 497 12.30 -27.55 -11.69
C ASN A 497 12.92 -27.67 -10.28
N ILE A 498 12.89 -26.55 -9.57
CA ILE A 498 13.17 -26.51 -8.14
C ILE A 498 11.84 -26.75 -7.44
N ASN A 499 11.72 -27.90 -6.80
CA ASN A 499 10.47 -28.36 -6.18
C ASN A 499 10.45 -28.27 -4.66
N ASN A 500 11.62 -28.35 -4.03
CA ASN A 500 11.74 -28.20 -2.58
C ASN A 500 11.16 -26.84 -2.13
N PRO A 501 10.03 -26.84 -1.40
CA PRO A 501 9.44 -25.56 -0.98
C PRO A 501 10.35 -24.71 -0.08
N GLN A 502 11.24 -25.36 0.68
CA GLN A 502 12.22 -24.65 1.50
C GLN A 502 13.15 -23.75 0.67
N PHE A 503 13.48 -24.18 -0.56
CA PHE A 503 14.33 -23.37 -1.46
C PHE A 503 13.64 -22.15 -2.10
N MET A 504 12.38 -21.91 -1.73
CA MET A 504 11.62 -20.73 -2.14
C MET A 504 11.45 -19.72 -1.00
N GLU A 505 12.06 -19.97 0.16
CA GLU A 505 11.91 -19.15 1.38
C GLU A 505 13.20 -18.37 1.71
N PHE A 506 13.07 -17.30 2.48
CA PHE A 506 14.22 -16.42 2.82
C PHE A 506 15.36 -17.14 3.54
N SER A 507 15.02 -18.09 4.41
CA SER A 507 16.04 -18.84 5.17
C SER A 507 16.98 -19.67 4.28
N SER A 508 16.49 -20.08 3.10
CA SER A 508 17.33 -20.74 2.09
C SER A 508 18.34 -19.82 1.37
N LEU A 509 18.31 -18.51 1.67
CA LEU A 509 19.31 -17.56 1.16
C LEU A 509 20.44 -17.24 2.15
N GLU A 510 20.48 -17.93 3.28
CA GLU A 510 21.53 -17.74 4.29
C GLU A 510 22.91 -18.17 3.80
N GLN A 511 22.98 -19.33 3.14
CA GLN A 511 24.22 -19.87 2.62
C GLN A 511 24.09 -20.23 1.13
N TYR A 512 24.85 -19.53 0.30
CA TYR A 512 24.87 -19.75 -1.15
C TYR A 512 25.23 -21.19 -1.51
N GLY A 513 24.44 -21.75 -2.43
CA GLY A 513 24.76 -23.02 -3.09
C GLY A 513 24.00 -24.20 -2.56
N VAL A 514 22.67 -24.06 -2.46
CA VAL A 514 21.82 -25.09 -1.85
C VAL A 514 21.54 -26.28 -2.77
N LEU A 515 21.69 -26.08 -4.07
CA LEU A 515 21.36 -27.10 -5.06
C LEU A 515 22.53 -28.04 -5.26
N ASN A 516 22.73 -28.96 -4.32
CA ASN A 516 23.86 -29.90 -4.43
C ASN A 516 23.44 -31.31 -4.85
N GLU A 517 22.26 -31.43 -5.43
CA GLU A 517 21.88 -32.60 -6.21
C GLU A 517 21.53 -32.12 -7.61
N SER A 518 21.78 -32.97 -8.61
CA SER A 518 21.45 -32.61 -9.99
C SER A 518 19.94 -32.49 -10.15
N ILE A 519 19.53 -31.58 -11.04
CA ILE A 519 18.12 -31.34 -11.33
C ILE A 519 17.93 -31.34 -12.84
N MET A 520 16.84 -31.95 -13.29
CA MET A 520 16.41 -31.87 -14.68
C MET A 520 15.56 -30.61 -14.86
N VAL A 521 16.10 -29.61 -15.55
CA VAL A 521 15.34 -28.38 -15.87
C VAL A 521 14.30 -28.69 -16.95
N THR A 522 13.45 -27.70 -17.25
CA THR A 522 12.46 -27.86 -18.31
C THR A 522 13.14 -28.05 -19.68
N GLY A 523 12.61 -29.00 -20.45
CA GLY A 523 13.00 -29.20 -21.84
C GLY A 523 12.34 -28.23 -22.80
N GLN A 524 11.19 -27.68 -22.38
CA GLN A 524 10.41 -26.70 -23.17
C GLN A 524 10.31 -25.36 -22.44
N PRO A 525 11.41 -24.60 -22.38
CA PRO A 525 11.33 -23.30 -21.72
C PRO A 525 10.55 -22.30 -22.57
N LYS A 526 9.89 -21.37 -21.90
CA LYS A 526 9.20 -20.25 -22.54
C LYS A 526 9.51 -18.97 -21.77
N PRO A 527 9.35 -17.80 -22.41
CA PRO A 527 9.53 -16.53 -21.72
C PRO A 527 8.72 -16.40 -20.44
N ILE A 528 9.37 -15.89 -19.40
CA ILE A 528 8.76 -15.72 -18.07
C ILE A 528 7.66 -14.66 -18.11
N PHE A 529 7.86 -13.63 -18.93
CA PHE A 529 6.92 -12.52 -19.08
C PHE A 529 6.32 -12.53 -20.50
N PRO A 530 5.14 -11.95 -20.74
CA PRO A 530 4.40 -11.14 -19.78
C PRO A 530 3.48 -11.98 -18.88
PG ATP B . -11.13 12.50 -4.73
PG ATP B . -10.87 8.88 0.95
O1G ATP B . -11.19 12.88 -6.19
O1G ATP B . -9.40 8.92 1.24
O2G ATP B . -12.47 12.23 -4.11
O2G ATP B . -11.49 10.22 0.66
O3G ATP B . -10.23 13.38 -3.88
O3G ATP B . -11.67 8.05 1.94
PB ATP B . -8.94 10.81 -5.34
PB ATP B . -9.85 8.19 -1.57
O1B ATP B . -8.33 12.15 -5.72
O1B ATP B . -10.46 7.69 -2.85
O2B ATP B . -8.99 9.70 -6.36
O2B ATP B . -8.58 7.55 -1.07
O3B ATP B . -10.40 11.05 -4.72
O3B ATP B . -10.97 8.06 -0.43
PA ATP B . -8.70 9.61 -2.79
PA ATP B . -8.30 10.33 -2.52
O1A ATP B . -9.55 8.45 -3.24
O1A ATP B . -7.94 11.69 -1.97
O2A ATP B . -9.30 10.71 -1.92
O2A ATP B . -8.58 10.17 -4.00
O3A ATP B . -8.06 10.31 -4.09
O3A ATP B . -9.58 9.78 -1.71
O5' ATP B . -7.39 9.06 -2.04
O5' ATP B . -7.15 9.29 -2.09
C5' ATP B . -7.47 8.26 -0.87
C5' ATP B . -7.38 8.45 -0.95
C4' ATP B . -6.28 7.30 -0.77
C4' ATP B . -6.28 7.41 -0.80
O4' ATP B . -6.12 6.53 -1.98
O4' ATP B . -6.16 6.59 -1.96
C3' ATP B . -4.95 7.99 -0.54
C3' ATP B . -4.91 8.02 -0.56
O3' ATP B . -4.69 8.27 0.83
O3' ATP B . -4.63 8.22 0.84
C2' ATP B . -4.00 6.96 -1.12
C2' ATP B . -3.99 7.00 -1.17
O2' ATP B . -3.82 5.87 -0.20
O2' ATP B . -3.76 5.94 -0.24
C1' ATP B . -4.74 6.50 -2.37
C1' ATP B . -4.78 6.52 -2.37
N9 ATP B . -4.49 7.40 -3.53
N9 ATP B . -4.56 7.46 -3.50
C8 ATP B . -5.44 8.02 -4.25
C8 ATP B . -5.53 8.16 -4.11
N7 ATP B . -4.90 8.77 -5.24
N7 ATP B . -5.01 8.93 -5.10
C5 ATP B . -3.58 8.63 -5.19
C5 ATP B . -3.68 8.73 -5.12
C6 ATP B . -2.43 9.16 -5.96
C6 ATP B . -2.53 9.23 -5.91
N6 ATP B . -2.61 9.99 -7.01
N6 ATP B . -2.71 10.12 -6.91
N1 ATP B . -1.18 8.77 -5.58
N1 ATP B . -1.30 8.76 -5.60
C2 ATP B . -0.98 7.94 -4.53
C2 ATP B . -1.10 7.88 -4.61
N3 ATP B . -1.99 7.43 -3.80
N3 ATP B . -2.11 7.38 -3.85
C4 ATP B . -3.30 7.72 -4.07
C4 ATP B . -3.39 7.76 -4.05
N1 A1LV5 C . -10.70 14.19 1.77
C2 A1LV5 C . -11.03 13.84 2.97
N3 A1LV5 C . -11.47 14.77 3.90
C4 A1LV5 C . -11.34 16.14 3.82
N5 A1LV5 C . -12.01 16.89 4.68
C6 A1LV5 C . -13.14 16.44 5.49
C7 A1LV5 C . -14.41 16.38 4.66
C8 A1LV5 C . -14.64 15.05 3.96
C9 A1LV5 C . -15.92 14.95 3.15
N10 A1LV5 C . -15.63 14.22 1.92
C11 A1LV5 C . -15.46 12.91 1.82
N12 A1LV5 C . -15.90 12.09 2.85
C13 A1LV5 C . -15.64 10.75 3.03
N14 A1LV5 C . -16.36 10.06 3.98
C15 A1LV5 C . -17.54 10.39 4.68
C16 A1LV5 C . -18.37 11.47 4.38
C17 A1LV5 C . -19.54 11.66 5.07
C18 A1LV5 C . -19.88 10.78 6.07
CL1 A1LV5 C . -21.36 11.04 6.95
C20 A1LV5 C . -19.08 9.72 6.40
C21 A1LV5 C . -17.90 9.52 5.70
N22 A1LV5 C . -14.59 10.25 2.46
N23 A1LV5 C . -15.02 12.44 0.70
N24 A1LV5 C . -10.52 16.65 2.98
N25 A1LV5 C . -11.03 12.51 3.29
C26 A1LV5 C . -11.05 11.84 4.53
C27 A1LV5 C . -11.09 12.44 5.78
C28 A1LV5 C . -10.85 11.69 6.93
C29 A1LV5 C . -10.59 10.34 6.81
CL2 A1LV5 C . -10.32 9.40 8.23
C31 A1LV5 C . -10.54 9.74 5.58
C32 A1LV5 C . -10.77 10.48 4.44
N1 A1LV5 D . 4.40 19.42 25.50
C2 A1LV5 D . 4.73 20.02 24.37
N3 A1LV5 D . 5.45 19.32 23.36
C4 A1LV5 D . 6.19 18.11 23.51
N5 A1LV5 D . 6.69 17.50 22.40
C6 A1LV5 D . 6.58 17.97 21.00
C7 A1LV5 D . 8.05 18.30 20.31
C8 A1LV5 D . 8.11 19.60 19.48
C9 A1LV5 D . 7.19 19.48 18.13
N10 A1LV5 D . 7.83 20.05 16.95
C11 A1LV5 D . 7.79 21.39 16.63
N12 A1LV5 D . 7.03 22.23 17.46
C13 A1LV5 D . 7.05 23.64 17.39
N14 A1LV5 D . 6.10 24.33 18.19
C15 A1LV5 D . 5.01 23.87 19.02
C16 A1LV5 D . 4.45 22.55 19.02
C17 A1LV5 D . 3.31 22.27 19.78
C18 A1LV5 D . 2.70 23.30 20.53
CL1 A1LV5 D . 1.27 22.94 21.50
C20 A1LV5 D . 3.24 24.61 20.54
C21 A1LV5 D . 4.38 24.88 19.77
N22 A1LV5 D . 8.00 24.36 16.66
N23 A1LV5 D . 8.16 21.80 15.37
N24 A1LV5 D . 6.75 17.64 24.73
N25 A1LV5 D . 4.35 21.35 24.06
C26 A1LV5 D . 5.07 22.36 23.28
C27 A1LV5 D . 6.42 22.15 22.84
C28 A1LV5 D . 7.25 23.25 22.56
C29 A1LV5 D . 6.74 24.55 22.68
CL2 A1LV5 D . 7.89 25.93 22.72
C31 A1LV5 D . 5.41 24.77 23.11
C32 A1LV5 D . 4.58 23.68 23.40
#